data_6CDO
#
_entry.id   6CDO
#
_cell.length_a   141.027
_cell.length_b   141.027
_cell.length_c   77.638
_cell.angle_alpha   90.000
_cell.angle_beta   90.000
_cell.angle_gamma   90.000
#
_symmetry.space_group_name_H-M   'P 41 21 2'
#
loop_
_entity.id
_entity.type
_entity.pdbx_description
1 polymer 'vFP16.02 Fab heavy chain'
2 polymer 'vFP16.02 Fab light chain'
3 polymer 'HIV-1 fusion peptide 512-519'
4 non-polymer 'SULFATE ION'
5 water water
#
loop_
_entity_poly.entity_id
_entity_poly.type
_entity_poly.pdbx_seq_one_letter_code
_entity_poly.pdbx_strand_id
1 'polypeptide(L)'
;QVQLLQSGAELVRPGASVTLSCKASGYAFSDYEIHWVKQTPVRGLDWIGAFDPKSGASASNQKVKGRAILTADKSSSTAY
MELRSLTSEDSAVYYCTRLRYFGYFDVWGTGTTVTVSSASTKGPSVFPLAPSSKSTSGGTAALGCLVKDYFPEPVTVSWN
SGALTSGVHTFPAVLQSSGLYSLSSVVTVPSSSLGTQTYICNVNHKPSNTKVDKKVEPKSCDKGLEVLFQ
;
A
2 'polypeptide(L)'
;DVLMTQTPLSLPVSLGGQASISCRSSQSVVYSDGDTYLEWYLQKPGQSPKLLIYKVSRRFSGVPDRFSGSGSGTDFTLKI
SRVETEDLGVYYCFQGSHVPYTFGGGTKLEIKRTVAAPSVFIFPPSDEQLKSGTASVVCLLNNFYPREAKVQWKVDNALQ
SGNSQESVTEQDSKDSTYSLSSTLTLSKADYEKHKVYACEVTHQGLSSPVTKSFNRGEC
;
B
3 'polypeptide(L)' AVGIGAVF C
#
loop_
_chem_comp.id
_chem_comp.type
_chem_comp.name
_chem_comp.formula
SO4 non-polymer 'SULFATE ION' 'O4 S -2'
#
# COMPACT_ATOMS: atom_id res chain seq x y z
N GLN A 1 -1.18 -22.80 -11.53
CA GLN A 1 -0.48 -22.44 -10.30
C GLN A 1 0.89 -21.83 -10.61
N VAL A 2 0.93 -21.05 -11.68
CA VAL A 2 2.13 -20.30 -12.02
C VAL A 2 2.41 -19.30 -10.91
N GLN A 3 3.63 -19.31 -10.39
CA GLN A 3 3.95 -18.27 -9.42
C GLN A 3 5.42 -17.89 -9.49
N LEU A 4 5.68 -16.66 -9.03
CA LEU A 4 7.02 -16.07 -8.99
C LEU A 4 7.28 -15.60 -7.56
N LEU A 5 8.24 -16.22 -6.88
CA LEU A 5 8.49 -15.93 -5.47
C LEU A 5 9.70 -15.05 -5.29
N GLN A 6 9.53 -14.00 -4.51
CA GLN A 6 10.59 -13.03 -4.23
C GLN A 6 10.71 -12.91 -2.72
N SER A 7 11.90 -12.58 -2.23
CA SER A 7 11.96 -12.31 -0.81
C SER A 7 11.22 -11.01 -0.51
N GLY A 8 10.67 -10.93 0.71
CA GLY A 8 9.81 -9.81 1.04
C GLY A 8 10.54 -8.48 1.16
N ALA A 9 11.79 -8.50 1.64
CA ALA A 9 12.47 -7.25 2.01
C ALA A 9 13.97 -7.46 2.05
N GLU A 10 14.71 -6.40 1.69
CA GLU A 10 16.16 -6.39 1.87
C GLU A 10 16.59 -5.03 2.38
N LEU A 11 17.25 -5.02 3.52
CA LEU A 11 17.92 -3.82 4.04
C LEU A 11 19.37 -3.88 3.60
N VAL A 12 19.86 -2.84 2.92
CA VAL A 12 21.22 -2.81 2.39
C VAL A 12 21.86 -1.44 2.64
N ARG A 13 23.16 -1.45 2.93
CA ARG A 13 23.90 -0.22 3.20
C ARG A 13 24.11 0.59 1.92
N PRO A 14 24.13 1.92 2.03
CA PRO A 14 24.55 2.73 0.87
C PRO A 14 25.95 2.34 0.43
N GLY A 15 26.14 2.27 -0.89
CA GLY A 15 27.40 1.84 -1.46
C GLY A 15 27.57 0.34 -1.56
N ALA A 16 26.67 -0.45 -0.97
CA ALA A 16 26.72 -1.89 -1.10
C ALA A 16 25.88 -2.34 -2.31
N SER A 17 25.80 -3.65 -2.49
CA SER A 17 24.99 -4.26 -3.53
C SER A 17 23.85 -5.05 -2.92
N VAL A 18 22.80 -5.28 -3.72
CA VAL A 18 21.72 -6.18 -3.33
C VAL A 18 21.51 -7.17 -4.48
N THR A 19 21.15 -8.40 -4.11
CA THR A 19 20.81 -9.45 -5.07
C THR A 19 19.33 -9.77 -4.89
N LEU A 20 18.54 -9.52 -5.93
CA LEU A 20 17.14 -9.86 -5.98
C LEU A 20 16.95 -11.21 -6.69
N SER A 21 16.06 -12.05 -6.16
CA SER A 21 15.80 -13.34 -6.78
C SER A 21 14.33 -13.49 -7.10
N CYS A 22 14.06 -14.21 -8.19
CA CYS A 22 12.71 -14.47 -8.71
C CYS A 22 12.64 -15.96 -9.01
N LYS A 23 11.98 -16.73 -8.12
CA LYS A 23 11.92 -18.19 -8.23
C LYS A 23 10.59 -18.60 -8.86
N ALA A 24 10.65 -19.13 -10.08
CA ALA A 24 9.45 -19.42 -10.86
C ALA A 24 9.03 -20.87 -10.65
N SER A 25 7.72 -21.08 -10.70
CA SER A 25 7.20 -22.44 -10.70
C SER A 25 5.86 -22.48 -11.41
N GLY A 26 5.43 -23.70 -11.75
CA GLY A 26 4.17 -23.93 -12.41
C GLY A 26 4.20 -23.85 -13.92
N TYR A 27 5.37 -23.69 -14.54
CA TYR A 27 5.46 -23.60 -15.99
C TYR A 27 6.88 -23.97 -16.42
N ALA A 28 7.08 -24.04 -17.73
CA ALA A 28 8.39 -24.36 -18.30
C ALA A 28 9.25 -23.11 -18.29
N PHE A 29 10.30 -23.11 -17.47
CA PHE A 29 11.05 -21.89 -17.17
C PHE A 29 11.54 -21.17 -18.42
N SER A 30 12.06 -21.92 -19.39
CA SER A 30 12.66 -21.34 -20.60
C SER A 30 11.65 -20.67 -21.51
N ASP A 31 10.36 -20.99 -21.37
CA ASP A 31 9.38 -20.41 -22.29
C ASP A 31 9.04 -18.96 -21.99
N TYR A 32 9.58 -18.37 -20.93
CA TYR A 32 9.23 -17.01 -20.53
C TYR A 32 10.47 -16.23 -20.11
N GLU A 33 10.59 -15.01 -20.63
CA GLU A 33 11.54 -14.02 -20.12
C GLU A 33 11.12 -13.58 -18.73
N ILE A 34 12.10 -13.11 -17.94
CA ILE A 34 11.82 -12.50 -16.64
C ILE A 34 12.21 -11.02 -16.74
N HIS A 35 11.26 -10.15 -16.42
CA HIS A 35 11.45 -8.71 -16.46
C HIS A 35 11.33 -8.14 -15.05
N TRP A 36 12.01 -7.02 -14.82
CA TRP A 36 12.16 -6.43 -13.50
C TRP A 36 11.63 -5.01 -13.55
N VAL A 37 10.73 -4.69 -12.62
CA VAL A 37 9.98 -3.44 -12.62
C VAL A 37 10.09 -2.82 -11.24
N LYS A 38 10.58 -1.59 -11.18
CA LYS A 38 10.79 -0.85 -9.95
C LYS A 38 9.58 0.04 -9.71
N GLN A 39 9.05 0.01 -8.49
CA GLN A 39 7.87 0.79 -8.14
C GLN A 39 8.17 1.68 -6.95
N THR A 40 7.79 2.93 -7.07
CA THR A 40 7.89 3.91 -6.00
C THR A 40 6.63 4.76 -6.06
N PRO A 41 6.28 5.47 -4.97
CA PRO A 41 5.01 6.22 -5.00
C PRO A 41 4.92 7.27 -6.10
N VAL A 42 5.97 8.07 -6.29
CA VAL A 42 5.93 9.22 -7.22
C VAL A 42 6.46 8.85 -8.61
N ARG A 43 7.62 8.20 -8.73
CA ARG A 43 8.11 7.86 -10.06
C ARG A 43 7.39 6.66 -10.68
N GLY A 44 6.47 6.01 -9.95
CA GLY A 44 5.51 5.11 -10.58
C GLY A 44 6.09 3.72 -10.82
N LEU A 45 5.94 3.22 -12.04
CA LEU A 45 6.52 1.95 -12.47
C LEU A 45 7.66 2.24 -13.43
N ASP A 46 8.76 1.51 -13.27
CA ASP A 46 10.01 1.77 -13.98
C ASP A 46 10.58 0.45 -14.47
N TRP A 47 10.48 0.18 -15.77
CA TRP A 47 11.06 -1.03 -16.35
C TRP A 47 12.58 -0.97 -16.20
N ILE A 48 13.12 -1.89 -15.42
CA ILE A 48 14.55 -1.90 -15.10
C ILE A 48 15.33 -2.70 -16.14
N GLY A 49 14.84 -3.87 -16.51
CA GLY A 49 15.55 -4.69 -17.47
C GLY A 49 14.95 -6.09 -17.52
N ALA A 50 15.61 -6.96 -18.28
CA ALA A 50 15.06 -8.28 -18.57
C ALA A 50 16.16 -9.29 -18.87
N PHE A 51 15.83 -10.55 -18.64
CA PHE A 51 16.66 -11.69 -19.01
C PHE A 51 15.79 -12.73 -19.70
N ASP A 52 16.25 -13.22 -20.86
CA ASP A 52 15.56 -14.28 -21.60
C ASP A 52 16.30 -15.59 -21.40
N PRO A 53 15.75 -16.57 -20.67
CA PRO A 53 16.46 -17.85 -20.47
C PRO A 53 16.62 -18.68 -21.73
N LYS A 54 15.77 -18.49 -22.75
CA LYS A 54 15.86 -19.31 -23.94
C LYS A 54 17.09 -18.90 -24.76
N SER A 55 17.16 -17.64 -25.19
CA SER A 55 18.27 -17.14 -25.99
C SER A 55 19.47 -16.74 -25.13
N GLY A 56 19.27 -16.50 -23.84
CA GLY A 56 20.35 -16.01 -22.98
C GLY A 56 20.59 -14.52 -23.05
N ALA A 57 19.76 -13.77 -23.77
CA ALA A 57 19.95 -12.34 -23.93
C ALA A 57 19.51 -11.58 -22.67
N SER A 58 20.10 -10.40 -22.46
CA SER A 58 19.67 -9.51 -21.39
C SER A 58 19.66 -8.07 -21.90
N ALA A 59 18.93 -7.22 -21.16
CA ALA A 59 18.88 -5.80 -21.47
C ALA A 59 18.48 -5.05 -20.20
N SER A 60 18.76 -3.74 -20.18
CA SER A 60 18.41 -2.93 -19.02
C SER A 60 18.27 -1.48 -19.45
N ASN A 61 17.65 -0.67 -18.58
CA ASN A 61 17.36 0.68 -19.00
C ASN A 61 18.62 1.55 -18.92
N GLN A 62 18.52 2.74 -19.51
CA GLN A 62 19.66 3.63 -19.62
C GLN A 62 20.19 4.05 -18.25
N LYS A 63 19.31 4.38 -17.32
CA LYS A 63 19.73 4.96 -16.05
C LYS A 63 20.52 3.95 -15.22
N VAL A 64 20.15 2.68 -15.27
CA VAL A 64 20.73 1.66 -14.40
C VAL A 64 21.90 0.94 -15.07
N LYS A 65 22.18 1.20 -16.35
CA LYS A 65 23.31 0.63 -17.06
C LYS A 65 24.60 0.78 -16.27
N GLY A 66 25.41 -0.26 -16.27
CA GLY A 66 26.65 -0.22 -15.54
C GLY A 66 26.53 -0.59 -14.08
N ARG A 67 25.31 -0.64 -13.54
CA ARG A 67 25.11 -1.02 -12.15
C ARG A 67 24.28 -2.28 -11.98
N ALA A 68 23.61 -2.75 -13.03
CA ALA A 68 22.68 -3.86 -12.95
C ALA A 68 23.25 -5.06 -13.70
N ILE A 69 23.18 -6.23 -13.10
CA ILE A 69 23.57 -7.48 -13.74
C ILE A 69 22.40 -8.44 -13.62
N LEU A 70 21.85 -8.84 -14.77
CA LEU A 70 20.70 -9.75 -14.84
C LEU A 70 21.17 -11.12 -15.31
N THR A 71 20.77 -12.16 -14.59
CA THR A 71 21.17 -13.53 -14.91
C THR A 71 19.99 -14.45 -14.60
N ALA A 72 20.16 -15.74 -14.87
CA ALA A 72 19.15 -16.72 -14.53
C ALA A 72 19.80 -18.09 -14.44
N ASP A 73 19.36 -18.89 -13.46
CA ASP A 73 19.73 -20.29 -13.27
C ASP A 73 18.55 -21.14 -13.71
N LYS A 74 18.66 -21.73 -14.90
CA LYS A 74 17.57 -22.53 -15.44
C LYS A 74 17.29 -23.76 -14.59
N SER A 75 18.35 -24.43 -14.10
CA SER A 75 18.17 -25.66 -13.35
C SER A 75 17.31 -25.43 -12.11
N SER A 76 17.48 -24.31 -11.43
CA SER A 76 16.67 -24.03 -10.26
C SER A 76 15.55 -23.03 -10.56
N SER A 77 15.29 -22.78 -11.85
CA SER A 77 14.16 -21.92 -12.27
C SER A 77 14.16 -20.57 -11.55
N THR A 78 15.33 -19.95 -11.41
CA THR A 78 15.43 -18.71 -10.66
C THR A 78 16.16 -17.65 -11.46
N ALA A 79 15.55 -16.48 -11.63
CA ALA A 79 16.19 -15.34 -12.25
C ALA A 79 16.72 -14.41 -11.17
N TYR A 80 17.78 -13.65 -11.50
CA TYR A 80 18.46 -12.81 -10.53
C TYR A 80 18.72 -11.44 -11.12
N MET A 81 18.63 -10.44 -10.24
CA MET A 81 19.10 -9.11 -10.57
C MET A 81 20.01 -8.61 -9.45
N GLU A 82 21.23 -8.26 -9.80
CA GLU A 82 22.17 -7.71 -8.86
C GLU A 82 22.33 -6.22 -9.16
N LEU A 83 22.24 -5.39 -8.14
CA LEU A 83 22.35 -3.94 -8.31
C LEU A 83 23.39 -3.43 -7.34
N ARG A 84 24.40 -2.73 -7.86
CA ARG A 84 25.56 -2.34 -7.06
C ARG A 84 25.55 -0.84 -6.78
N SER A 85 26.42 -0.42 -5.87
CA SER A 85 26.59 1.01 -5.51
C SER A 85 25.25 1.68 -5.21
N LEU A 86 24.51 1.12 -4.26
CA LEU A 86 23.17 1.60 -3.99
C LEU A 86 23.21 2.93 -3.25
N THR A 87 22.25 3.80 -3.58
CA THR A 87 21.90 5.00 -2.80
C THR A 87 20.42 4.94 -2.43
N SER A 88 19.97 5.96 -1.69
CA SER A 88 18.58 6.00 -1.25
C SER A 88 17.62 6.16 -2.43
N GLU A 89 18.11 6.62 -3.58
CA GLU A 89 17.29 6.67 -4.79
C GLU A 89 16.90 5.27 -5.27
N ASP A 90 17.61 4.23 -4.83
CA ASP A 90 17.31 2.86 -5.23
C ASP A 90 16.31 2.19 -4.29
N SER A 91 16.00 2.79 -3.14
CA SER A 91 14.97 2.27 -2.26
C SER A 91 13.64 2.28 -2.98
N ALA A 92 12.97 1.12 -2.99
CA ALA A 92 11.77 0.95 -3.80
C ALA A 92 11.23 -0.45 -3.60
N VAL A 93 10.07 -0.77 -4.18
CA VAL A 93 9.62 -2.15 -4.30
C VAL A 93 10.03 -2.65 -5.69
N TYR A 94 10.74 -3.77 -5.75
CA TYR A 94 11.14 -4.36 -7.04
C TYR A 94 10.29 -5.59 -7.31
N TYR A 95 9.55 -5.57 -8.42
CA TYR A 95 8.77 -6.70 -8.89
C TYR A 95 9.51 -7.46 -10.00
N CYS A 96 9.33 -8.76 -10.05
CA CYS A 96 9.63 -9.52 -11.25
C CYS A 96 8.31 -9.92 -11.89
N THR A 97 8.34 -10.17 -13.20
CA THR A 97 7.14 -10.57 -13.93
C THR A 97 7.61 -11.33 -15.16
N ARG A 98 6.75 -12.17 -15.73
CA ARG A 98 7.14 -13.07 -16.81
C ARG A 98 6.55 -12.63 -18.13
N LEU A 99 7.21 -13.03 -19.23
CA LEU A 99 6.79 -12.57 -20.56
C LEU A 99 7.16 -13.62 -21.61
N ARG A 100 6.15 -14.22 -22.23
CA ARG A 100 6.40 -15.04 -23.41
C ARG A 100 6.58 -14.11 -24.62
N TYR A 101 7.40 -14.53 -25.59
CA TYR A 101 7.58 -13.69 -26.78
C TYR A 101 6.22 -13.27 -27.34
N PHE A 102 6.13 -12.00 -27.73
CA PHE A 102 4.89 -11.43 -28.28
C PHE A 102 3.69 -11.54 -27.33
N GLY A 103 3.93 -11.75 -26.04
CA GLY A 103 2.87 -11.86 -25.04
C GLY A 103 2.71 -10.61 -24.20
N TYR A 104 2.60 -10.77 -22.88
CA TYR A 104 2.34 -9.65 -21.98
C TYR A 104 2.67 -10.09 -20.55
N PHE A 105 2.70 -9.12 -19.63
CA PHE A 105 3.06 -9.39 -18.22
C PHE A 105 1.84 -9.92 -17.47
N ASP A 106 1.58 -11.22 -17.61
CA ASP A 106 0.35 -11.78 -17.04
C ASP A 106 0.49 -12.20 -15.59
N VAL A 107 1.68 -12.62 -15.15
CA VAL A 107 1.90 -13.04 -13.76
C VAL A 107 3.05 -12.22 -13.17
N TRP A 108 2.88 -11.78 -11.91
CA TRP A 108 3.86 -10.94 -11.23
C TRP A 108 4.25 -11.56 -9.90
N GLY A 109 5.50 -11.31 -9.48
CA GLY A 109 5.86 -11.58 -8.10
C GLY A 109 5.16 -10.59 -7.15
N THR A 110 5.28 -10.82 -5.85
CA THR A 110 4.66 -9.89 -4.91
C THR A 110 5.61 -8.77 -4.46
N GLY A 111 6.85 -8.77 -4.93
CA GLY A 111 7.70 -7.59 -4.79
C GLY A 111 8.65 -7.63 -3.60
N THR A 112 9.85 -7.10 -3.77
CA THR A 112 10.85 -7.04 -2.71
C THR A 112 11.01 -5.57 -2.32
N THR A 113 10.70 -5.25 -1.07
CA THR A 113 10.90 -3.88 -0.55
C THR A 113 12.36 -3.70 -0.18
N VAL A 114 13.08 -2.92 -0.98
CA VAL A 114 14.51 -2.67 -0.76
C VAL A 114 14.63 -1.31 -0.09
N THR A 115 15.31 -1.29 1.06
CA THR A 115 15.60 -0.07 1.80
C THR A 115 17.10 0.08 1.86
N VAL A 116 17.60 1.19 1.32
CA VAL A 116 19.02 1.50 1.34
C VAL A 116 19.25 2.44 2.53
N SER A 117 19.92 1.95 3.56
CA SER A 117 20.09 2.71 4.78
C SER A 117 21.22 2.11 5.60
N SER A 118 21.88 2.96 6.37
CA SER A 118 22.91 2.43 7.27
C SER A 118 22.37 2.10 8.66
N ALA A 119 21.11 2.41 8.96
CA ALA A 119 20.54 2.04 10.25
C ALA A 119 20.29 0.53 10.32
N SER A 120 20.28 0.01 11.55
CA SER A 120 20.12 -1.41 11.80
C SER A 120 18.65 -1.81 11.84
N THR A 121 18.41 -3.11 11.76
CA THR A 121 17.06 -3.63 11.82
C THR A 121 16.56 -3.58 13.27
N LYS A 122 15.26 -3.31 13.42
CA LYS A 122 14.64 -3.26 14.75
C LYS A 122 13.22 -3.80 14.65
N GLY A 123 12.92 -4.83 15.44
CA GLY A 123 11.59 -5.39 15.47
C GLY A 123 10.62 -4.50 16.25
N PRO A 124 9.33 -4.63 15.97
CA PRO A 124 8.35 -3.73 16.57
C PRO A 124 7.92 -4.16 17.96
N SER A 125 7.44 -3.19 18.73
CA SER A 125 6.61 -3.47 19.90
C SER A 125 5.15 -3.43 19.49
N VAL A 126 4.36 -4.37 20.00
CA VAL A 126 2.95 -4.47 19.66
C VAL A 126 2.12 -4.23 20.92
N PHE A 127 1.20 -3.27 20.86
CA PHE A 127 0.35 -2.87 21.98
C PHE A 127 -1.13 -2.96 21.58
N PRO A 128 -1.98 -3.50 22.43
CA PRO A 128 -3.41 -3.57 22.08
C PRO A 128 -4.06 -2.19 22.05
N LEU A 129 -5.04 -2.04 21.15
CA LEU A 129 -5.99 -0.93 21.15
C LEU A 129 -7.31 -1.58 21.60
N ALA A 130 -7.53 -1.59 22.90
CA ALA A 130 -8.58 -2.43 23.49
C ALA A 130 -9.94 -1.84 23.19
N PRO A 131 -10.92 -2.65 22.77
CA PRO A 131 -12.28 -2.14 22.61
C PRO A 131 -12.91 -1.81 23.96
N SER A 132 -13.65 -0.71 23.99
CA SER A 132 -14.42 -0.28 25.15
C SER A 132 -15.56 0.58 24.66
N SER A 133 -16.34 1.13 25.60
CA SER A 133 -17.42 2.04 25.19
C SER A 133 -16.87 3.26 24.46
N LYS A 134 -15.63 3.68 24.75
CA LYS A 134 -15.02 4.80 24.03
C LYS A 134 -14.68 4.47 22.57
N SER A 135 -14.61 3.19 22.24
CA SER A 135 -14.42 2.74 20.86
C SER A 135 -15.62 1.94 20.37
N THR A 136 -16.80 2.22 20.94
CA THR A 136 -18.05 1.69 20.45
C THR A 136 -18.97 2.84 20.07
N SER A 137 -19.69 2.68 18.96
CA SER A 137 -20.71 3.65 18.58
C SER A 137 -21.85 2.88 17.94
N GLY A 138 -23.01 2.90 18.59
CA GLY A 138 -24.11 2.08 18.12
C GLY A 138 -23.79 0.62 18.35
N GLY A 139 -24.07 -0.21 17.35
CA GLY A 139 -23.78 -1.62 17.48
C GLY A 139 -22.38 -2.05 17.06
N THR A 140 -21.51 -1.09 16.72
CA THR A 140 -20.19 -1.32 16.16
C THR A 140 -19.10 -0.97 17.19
N ALA A 141 -18.21 -1.91 17.46
CA ALA A 141 -17.03 -1.65 18.26
C ALA A 141 -15.79 -1.66 17.36
N ALA A 142 -14.79 -0.87 17.73
CA ALA A 142 -13.52 -0.88 17.03
C ALA A 142 -12.43 -1.34 17.97
N LEU A 143 -11.46 -2.06 17.42
CA LEU A 143 -10.33 -2.53 18.22
C LEU A 143 -9.13 -2.61 17.30
N GLY A 144 -7.95 -2.79 17.87
CA GLY A 144 -6.78 -2.86 17.02
C GLY A 144 -5.50 -3.15 17.74
N CYS A 145 -4.40 -2.88 17.04
CA CYS A 145 -3.04 -3.13 17.50
C CYS A 145 -2.17 -1.99 16.99
N LEU A 146 -1.37 -1.44 17.90
CA LEU A 146 -0.38 -0.42 17.58
C LEU A 146 0.98 -1.12 17.42
N VAL A 147 1.60 -0.94 16.27
CA VAL A 147 2.86 -1.59 15.88
C VAL A 147 3.91 -0.49 15.83
N LYS A 148 4.75 -0.40 16.85
CA LYS A 148 5.55 0.78 17.12
C LYS A 148 7.03 0.50 17.03
N ASP A 149 7.76 1.45 16.46
CA ASP A 149 9.23 1.55 16.51
C ASP A 149 9.92 0.35 15.86
N TYR A 150 9.69 0.19 14.56
CA TYR A 150 10.35 -0.86 13.80
C TYR A 150 11.10 -0.26 12.62
N PHE A 151 12.07 -1.03 12.11
CA PHE A 151 12.83 -0.60 10.93
C PHE A 151 13.45 -1.85 10.32
N PRO A 152 13.41 -2.01 8.99
CA PRO A 152 12.76 -1.10 8.04
C PRO A 152 11.36 -1.58 7.71
N GLU A 153 10.72 -0.96 6.73
CA GLU A 153 9.49 -1.52 6.19
C GLU A 153 9.78 -2.84 5.47
N PRO A 154 8.76 -3.70 5.29
CA PRO A 154 7.37 -3.59 5.73
C PRO A 154 7.08 -4.48 6.92
N VAL A 155 5.88 -4.31 7.45
CA VAL A 155 5.33 -5.22 8.43
C VAL A 155 3.98 -5.69 7.88
N THR A 156 3.61 -6.92 8.17
CA THR A 156 2.29 -7.41 7.82
C THR A 156 1.47 -7.59 9.10
N VAL A 157 0.19 -7.27 9.01
CA VAL A 157 -0.73 -7.53 10.12
C VAL A 157 -1.92 -8.29 9.55
N SER A 158 -2.25 -9.41 10.16
CA SER A 158 -3.51 -10.08 9.86
C SER A 158 -4.30 -10.21 11.15
N TRP A 159 -5.56 -10.61 11.05
CA TRP A 159 -6.40 -10.77 12.22
C TRP A 159 -6.94 -12.19 12.29
N ASN A 160 -6.82 -12.81 13.45
CA ASN A 160 -7.28 -14.18 13.68
C ASN A 160 -6.71 -15.13 12.63
N SER A 161 -5.40 -15.00 12.41
CA SER A 161 -4.67 -15.82 11.42
C SER A 161 -5.29 -15.72 10.03
N GLY A 162 -5.90 -14.58 9.72
CA GLY A 162 -6.47 -14.37 8.40
C GLY A 162 -7.93 -14.69 8.30
N ALA A 163 -8.53 -15.24 9.34
CA ALA A 163 -9.97 -15.52 9.30
C ALA A 163 -10.81 -14.25 9.34
N LEU A 164 -10.27 -13.14 9.83
CA LEU A 164 -10.99 -11.89 9.95
C LEU A 164 -10.40 -10.87 8.97
N THR A 165 -11.13 -10.58 7.91
CA THR A 165 -10.71 -9.58 6.93
C THR A 165 -11.70 -8.44 6.76
N SER A 166 -12.98 -8.70 6.96
CA SER A 166 -13.99 -7.67 6.77
C SER A 166 -13.82 -6.56 7.80
N GLY A 167 -13.79 -5.31 7.35
CA GLY A 167 -13.73 -4.17 8.24
C GLY A 167 -12.35 -3.85 8.77
N VAL A 168 -11.30 -4.52 8.27
CA VAL A 168 -9.93 -4.28 8.69
C VAL A 168 -9.35 -3.09 7.94
N HIS A 169 -8.64 -2.22 8.66
CA HIS A 169 -7.87 -1.13 8.06
C HIS A 169 -6.49 -1.15 8.69
N THR A 170 -5.47 -1.40 7.90
CA THR A 170 -4.08 -1.31 8.35
C THR A 170 -3.51 -0.04 7.72
N PHE A 171 -3.17 0.94 8.56
CA PHE A 171 -2.81 2.26 8.05
C PHE A 171 -1.39 2.27 7.48
N PRO A 172 -1.11 3.19 6.54
CA PRO A 172 0.28 3.39 6.10
C PRO A 172 1.19 3.68 7.28
N ALA A 173 2.38 3.09 7.25
CA ALA A 173 3.36 3.40 8.29
C ALA A 173 3.74 4.87 8.20
N VAL A 174 4.16 5.43 9.34
CA VAL A 174 4.65 6.79 9.42
C VAL A 174 6.08 6.74 9.96
N LEU A 175 7.00 7.44 9.30
CA LEU A 175 8.36 7.56 9.80
C LEU A 175 8.39 8.55 10.96
N GLN A 176 8.72 8.08 12.16
CA GLN A 176 8.84 8.95 13.32
C GLN A 176 10.16 9.70 13.29
N SER A 177 10.25 10.76 14.10
CA SER A 177 11.48 11.54 14.13
C SER A 177 12.66 10.70 14.60
N SER A 178 12.39 9.63 15.34
CA SER A 178 13.44 8.71 15.78
C SER A 178 14.11 7.96 14.64
N GLY A 179 13.59 8.03 13.41
CA GLY A 179 14.01 7.14 12.33
C GLY A 179 13.32 5.79 12.28
N LEU A 180 12.37 5.53 13.19
CA LEU A 180 11.66 4.26 13.25
C LEU A 180 10.22 4.43 12.75
N TYR A 181 9.65 3.35 12.25
CA TYR A 181 8.30 3.39 11.72
C TYR A 181 7.30 2.97 12.79
N SER A 182 6.07 3.46 12.66
CA SER A 182 4.95 3.03 13.48
C SER A 182 3.69 3.00 12.64
N LEU A 183 2.79 2.10 12.99
CA LEU A 183 1.60 1.84 12.22
C LEU A 183 0.52 1.40 13.19
N SER A 184 -0.75 1.59 12.81
CA SER A 184 -1.86 0.99 13.52
C SER A 184 -2.66 0.11 12.56
N SER A 185 -3.15 -1.01 13.08
CA SER A 185 -4.12 -1.84 12.38
C SER A 185 -5.37 -1.94 13.24
N VAL A 186 -6.52 -1.58 12.67
CA VAL A 186 -7.79 -1.59 13.39
C VAL A 186 -8.79 -2.44 12.62
N VAL A 187 -9.88 -2.78 13.30
CA VAL A 187 -10.98 -3.54 12.72
C VAL A 187 -12.25 -3.17 13.51
N THR A 188 -13.36 -3.03 12.79
CA THR A 188 -14.67 -2.86 13.42
C THR A 188 -15.43 -4.20 13.38
N VAL A 189 -16.08 -4.51 14.49
CA VAL A 189 -16.83 -5.77 14.68
C VAL A 189 -18.15 -5.43 15.36
N PRO A 190 -19.11 -6.37 15.35
CA PRO A 190 -20.33 -6.16 16.17
C PRO A 190 -19.96 -6.06 17.65
N SER A 191 -20.53 -5.06 18.33
CA SER A 191 -20.21 -4.90 19.75
C SER A 191 -20.67 -6.09 20.58
N SER A 192 -21.70 -6.82 20.12
CA SER A 192 -22.12 -8.01 20.86
C SER A 192 -21.12 -9.14 20.76
N SER A 193 -20.19 -9.09 19.80
CA SER A 193 -19.21 -10.15 19.69
C SER A 193 -18.05 -9.99 20.67
N LEU A 194 -18.00 -8.87 21.41
CA LEU A 194 -16.88 -8.62 22.30
C LEU A 194 -16.86 -9.61 23.45
N GLY A 195 -18.02 -9.94 24.00
CA GLY A 195 -18.06 -10.89 25.09
C GLY A 195 -17.84 -12.35 24.72
N THR A 196 -17.79 -12.69 23.43
CA THR A 196 -17.85 -14.08 23.00
C THR A 196 -16.84 -14.50 21.96
N GLN A 197 -16.15 -13.56 21.32
CA GLN A 197 -15.20 -13.86 20.25
C GLN A 197 -13.84 -13.31 20.65
N THR A 198 -12.81 -14.12 20.51
CA THR A 198 -11.45 -13.70 20.81
C THR A 198 -10.82 -13.08 19.56
N TYR A 199 -10.16 -11.93 19.73
CA TYR A 199 -9.56 -11.20 18.62
C TYR A 199 -8.05 -11.13 18.80
N ILE A 200 -7.31 -11.64 17.81
CA ILE A 200 -5.86 -11.72 17.86
C ILE A 200 -5.29 -11.05 16.62
N CYS A 201 -4.34 -10.13 16.80
CA CYS A 201 -3.63 -9.57 15.67
C CYS A 201 -2.30 -10.28 15.51
N ASN A 202 -2.01 -10.70 14.28
CA ASN A 202 -0.78 -11.39 13.93
C ASN A 202 0.12 -10.40 13.20
N VAL A 203 1.16 -9.95 13.88
CA VAL A 203 2.13 -9.01 13.36
C VAL A 203 3.37 -9.79 12.95
N ASN A 204 3.88 -9.52 11.75
CA ASN A 204 5.09 -10.19 11.26
C ASN A 204 6.00 -9.12 10.65
N HIS A 205 7.17 -8.97 11.25
CA HIS A 205 8.26 -8.13 10.75
C HIS A 205 9.40 -9.06 10.37
N LYS A 206 9.36 -9.52 9.12
CA LYS A 206 10.37 -10.47 8.65
C LYS A 206 11.80 -9.95 8.68
N PRO A 207 12.10 -8.69 8.34
CA PRO A 207 13.51 -8.25 8.37
C PRO A 207 14.20 -8.43 9.70
N SER A 208 13.46 -8.47 10.81
CA SER A 208 14.03 -8.70 12.13
C SER A 208 13.64 -10.05 12.71
N ASN A 209 12.91 -10.87 11.94
CA ASN A 209 12.38 -12.16 12.42
C ASN A 209 11.49 -12.00 13.65
N THR A 210 10.68 -10.95 13.67
CA THR A 210 9.80 -10.70 14.80
C THR A 210 8.38 -11.12 14.43
N LYS A 211 7.84 -12.11 15.13
CA LYS A 211 6.47 -12.55 14.94
C LYS A 211 5.76 -12.43 16.27
N VAL A 212 4.67 -11.67 16.31
CA VAL A 212 3.92 -11.40 17.53
C VAL A 212 2.44 -11.68 17.27
N ASP A 213 1.83 -12.49 18.14
CA ASP A 213 0.38 -12.67 18.16
C ASP A 213 -0.13 -12.00 19.44
N LYS A 214 -0.91 -10.93 19.29
CA LYS A 214 -1.41 -10.19 20.44
C LYS A 214 -2.92 -10.36 20.57
N LYS A 215 -3.35 -10.98 21.66
CA LYS A 215 -4.77 -11.02 21.99
C LYS A 215 -5.21 -9.65 22.50
N VAL A 216 -6.24 -9.09 21.89
CA VAL A 216 -6.74 -7.77 22.22
C VAL A 216 -8.02 -7.95 23.03
N GLU A 217 -7.97 -7.64 24.31
CA GLU A 217 -9.10 -7.94 25.17
C GLU A 217 -9.93 -6.70 25.48
N PRO A 218 -11.25 -6.84 25.60
CA PRO A 218 -12.08 -5.66 25.92
C PRO A 218 -11.72 -5.11 27.28
N LYS A 219 -11.96 -3.80 27.45
CA LYS A 219 -11.74 -3.13 28.71
C LYS A 219 -13.03 -2.42 29.12
N SER A 220 -13.34 -2.45 30.42
CA SER A 220 -14.50 -1.72 30.92
C SER A 220 -14.11 -0.29 31.29
N CYS A 221 -15.02 0.66 31.03
CA CYS A 221 -14.82 2.04 31.41
C CYS A 221 -15.71 2.40 32.61
N ASP A 222 -15.14 3.15 33.55
CA ASP A 222 -15.87 3.62 34.73
C ASP A 222 -16.29 5.05 34.43
N LYS A 223 -17.46 5.20 33.80
CA LYS A 223 -17.92 6.51 33.34
C LYS A 223 -18.20 7.46 34.49
N GLY A 224 -18.48 6.91 35.68
CA GLY A 224 -18.78 7.76 36.82
C GLY A 224 -17.67 8.72 37.18
N LEU A 225 -16.43 8.34 36.93
CA LEU A 225 -15.34 9.23 37.32
C LEU A 225 -15.00 10.26 36.26
N GLU A 226 -15.70 10.27 35.14
CA GLU A 226 -15.31 11.10 34.01
C GLU A 226 -15.71 12.56 34.20
N VAL A 227 -14.75 13.46 33.95
CA VAL A 227 -14.97 14.90 33.95
C VAL A 227 -14.98 15.37 32.50
N LEU A 228 -15.98 16.17 32.14
CA LEU A 228 -16.20 16.58 30.75
C LEU A 228 -16.16 18.09 30.59
N PHE A 229 -15.84 18.53 29.37
CA PHE A 229 -15.94 19.95 28.97
C PHE A 229 -16.95 20.03 27.84
N GLN A 230 -18.09 20.68 28.09
CA GLN A 230 -19.09 20.89 27.03
C GLN A 230 -19.87 22.19 27.21
N ASP B 1 13.74 6.32 -23.49
CA ASP B 1 14.14 6.56 -24.88
C ASP B 1 12.91 6.77 -25.77
N VAL B 2 11.99 5.80 -25.77
CA VAL B 2 10.61 6.07 -26.20
C VAL B 2 9.85 6.54 -24.96
N LEU B 3 9.41 7.80 -24.98
CA LEU B 3 8.85 8.43 -23.80
C LEU B 3 7.33 8.37 -23.84
N MET B 4 6.74 7.90 -22.75
CA MET B 4 5.31 7.70 -22.63
C MET B 4 4.77 8.73 -21.65
N THR B 5 3.92 9.62 -22.12
CA THR B 5 3.43 10.70 -21.29
C THR B 5 1.93 10.53 -21.09
N GLN B 6 1.54 10.31 -19.85
CA GLN B 6 0.19 9.92 -19.47
C GLN B 6 -0.51 11.11 -18.82
N THR B 7 -1.77 11.35 -19.20
CA THR B 7 -2.54 12.43 -18.63
C THR B 7 -3.98 11.95 -18.37
N PRO B 8 -4.62 12.44 -17.30
CA PRO B 8 -4.07 13.35 -16.29
C PRO B 8 -3.37 12.58 -15.18
N LEU B 9 -2.71 13.30 -14.25
CA LEU B 9 -2.05 12.62 -13.13
C LEU B 9 -3.06 12.03 -12.15
N SER B 10 -4.17 12.72 -11.94
CA SER B 10 -5.25 12.23 -11.09
C SER B 10 -6.57 12.49 -11.79
N LEU B 11 -7.52 11.57 -11.64
CA LEU B 11 -8.76 11.59 -12.41
C LEU B 11 -9.95 11.34 -11.50
N PRO B 12 -10.64 12.38 -11.06
CA PRO B 12 -11.91 12.17 -10.33
C PRO B 12 -12.97 11.65 -11.27
N VAL B 13 -13.75 10.70 -10.80
CA VAL B 13 -14.90 10.19 -11.57
C VAL B 13 -15.97 9.76 -10.58
N SER B 14 -17.22 10.07 -10.89
CA SER B 14 -18.32 9.62 -10.07
C SER B 14 -18.58 8.15 -10.33
N LEU B 15 -18.98 7.44 -9.28
CA LEU B 15 -19.28 6.03 -9.41
C LEU B 15 -20.44 5.84 -10.39
N GLY B 16 -20.33 4.81 -11.23
CA GLY B 16 -21.24 4.65 -12.34
C GLY B 16 -20.95 5.53 -13.55
N GLY B 17 -20.01 6.44 -13.45
CA GLY B 17 -19.63 7.28 -14.57
C GLY B 17 -18.61 6.63 -15.49
N GLN B 18 -17.94 7.47 -16.28
CA GLN B 18 -16.98 7.03 -17.27
C GLN B 18 -15.70 7.83 -17.13
N ALA B 19 -14.56 7.15 -17.09
CA ALA B 19 -13.25 7.77 -16.98
C ALA B 19 -12.47 7.57 -18.27
N SER B 20 -11.67 8.57 -18.63
CA SER B 20 -10.88 8.55 -19.86
C SER B 20 -9.44 8.91 -19.54
N ILE B 21 -8.51 7.99 -19.81
CA ILE B 21 -7.10 8.18 -19.54
C ILE B 21 -6.35 8.15 -20.87
N SER B 22 -5.48 9.13 -21.09
CA SER B 22 -4.78 9.21 -22.37
C SER B 22 -3.27 9.06 -22.15
N CYS B 23 -2.62 8.49 -23.17
CA CYS B 23 -1.19 8.19 -23.13
C CYS B 23 -0.61 8.46 -24.51
N ARG B 24 0.47 9.23 -24.58
CA ARG B 24 1.10 9.58 -25.86
C ARG B 24 2.56 9.17 -25.88
N SER B 25 2.96 8.43 -26.92
CA SER B 25 4.34 8.02 -27.12
C SER B 25 5.10 9.11 -27.87
N SER B 26 6.38 9.26 -27.54
CA SER B 26 7.20 10.27 -28.18
C SER B 26 7.53 9.90 -29.62
N GLN B 27 7.63 8.59 -29.90
CA GLN B 27 7.85 8.09 -31.25
C GLN B 27 6.79 7.03 -31.53
N SER B 28 6.81 6.50 -32.75
CA SER B 28 5.85 5.47 -33.09
C SER B 28 6.16 4.18 -32.33
N VAL B 29 5.11 3.45 -31.98
CA VAL B 29 5.28 2.20 -31.27
C VAL B 29 4.66 1.05 -32.05
N VAL B 30 4.47 1.23 -33.35
CA VAL B 30 4.17 0.12 -34.24
C VAL B 30 5.44 -0.71 -34.41
N TYR B 31 5.32 -2.01 -34.15
CA TYR B 31 6.45 -2.92 -34.33
C TYR B 31 6.51 -3.41 -35.76
N SER B 32 7.73 -3.75 -36.21
CA SER B 32 7.93 -4.21 -37.59
C SER B 32 6.99 -5.35 -37.96
N ASP B 33 6.61 -6.18 -36.99
CA ASP B 33 5.62 -7.23 -37.27
C ASP B 33 4.21 -6.68 -37.51
N GLY B 34 4.05 -5.36 -37.55
CA GLY B 34 2.76 -4.74 -37.77
C GLY B 34 1.97 -4.39 -36.52
N ASP B 35 2.20 -5.11 -35.41
CA ASP B 35 1.41 -4.87 -34.22
C ASP B 35 1.94 -3.69 -33.42
N THR B 36 1.07 -3.18 -32.56
CA THR B 36 1.41 -2.17 -31.57
C THR B 36 1.29 -2.81 -30.19
N TYR B 37 2.41 -2.95 -29.50
CA TYR B 37 2.44 -3.63 -28.21
C TYR B 37 2.26 -2.59 -27.10
N LEU B 38 1.05 -2.04 -27.04
CA LEU B 38 0.70 -1.05 -26.02
C LEU B 38 -0.24 -1.68 -25.03
N GLU B 39 0.12 -1.61 -23.76
CA GLU B 39 -0.59 -2.32 -22.71
C GLU B 39 -0.98 -1.35 -21.62
N TRP B 40 -2.09 -1.65 -20.97
CA TRP B 40 -2.55 -0.91 -19.80
C TRP B 40 -2.58 -1.86 -18.61
N TYR B 41 -1.94 -1.42 -17.51
CA TYR B 41 -1.83 -2.14 -16.25
C TYR B 41 -2.49 -1.33 -15.13
N LEU B 42 -3.05 -2.03 -14.14
CA LEU B 42 -3.67 -1.37 -12.99
C LEU B 42 -3.00 -1.85 -11.71
N GLN B 43 -2.62 -0.93 -10.84
CA GLN B 43 -2.10 -1.31 -9.53
C GLN B 43 -3.04 -0.77 -8.47
N LYS B 44 -3.79 -1.67 -7.84
CA LYS B 44 -4.68 -1.41 -6.72
C LYS B 44 -3.88 -1.33 -5.42
N PRO B 45 -4.37 -0.60 -4.41
CA PRO B 45 -3.60 -0.47 -3.17
C PRO B 45 -3.27 -1.82 -2.57
N GLY B 46 -2.01 -2.00 -2.18
CA GLY B 46 -1.61 -3.22 -1.53
C GLY B 46 -1.45 -4.43 -2.43
N GLN B 47 -1.56 -4.28 -3.74
CA GLN B 47 -1.41 -5.42 -4.63
C GLN B 47 -0.29 -5.17 -5.64
N SER B 48 0.10 -6.25 -6.33
CA SER B 48 0.96 -6.19 -7.50
C SER B 48 0.23 -5.53 -8.66
N PRO B 49 0.96 -4.97 -9.65
CA PRO B 49 0.30 -4.56 -10.90
C PRO B 49 -0.40 -5.73 -11.55
N LYS B 50 -1.49 -5.44 -12.30
CA LYS B 50 -2.23 -6.48 -13.00
C LYS B 50 -2.53 -6.02 -14.42
N LEU B 51 -2.53 -6.96 -15.36
CA LEU B 51 -2.74 -6.62 -16.77
C LEU B 51 -4.21 -6.38 -17.07
N LEU B 52 -4.50 -5.29 -17.77
CA LEU B 52 -5.85 -5.02 -18.24
C LEU B 52 -5.96 -5.18 -19.76
N ILE B 53 -5.15 -4.45 -20.51
CA ILE B 53 -5.28 -4.35 -21.96
C ILE B 53 -3.93 -4.66 -22.58
N TYR B 54 -3.92 -5.48 -23.62
CA TYR B 54 -2.72 -5.67 -24.43
C TYR B 54 -3.06 -5.39 -25.87
N LYS B 55 -2.06 -4.99 -26.67
CA LYS B 55 -2.28 -4.91 -28.12
C LYS B 55 -3.44 -3.97 -28.40
N VAL B 56 -3.18 -2.67 -28.48
CA VAL B 56 -3.94 -1.56 -27.94
C VAL B 56 -5.35 -1.83 -27.39
N SER B 57 -6.11 -2.75 -27.97
CA SER B 57 -7.53 -2.84 -27.63
C SER B 57 -8.00 -4.21 -27.14
N ARG B 58 -7.11 -5.17 -26.93
CA ARG B 58 -7.54 -6.52 -26.56
C ARG B 58 -7.50 -6.68 -25.04
N ARG B 59 -8.50 -7.38 -24.50
CA ARG B 59 -8.75 -7.46 -23.07
C ARG B 59 -8.18 -8.75 -22.51
N PHE B 60 -7.28 -8.63 -21.53
CA PHE B 60 -6.78 -9.81 -20.85
C PHE B 60 -7.94 -10.61 -20.28
N SER B 61 -7.75 -11.93 -20.24
CA SER B 61 -8.81 -12.82 -19.79
C SER B 61 -9.26 -12.46 -18.39
N GLY B 62 -10.58 -12.31 -18.22
CA GLY B 62 -11.18 -11.93 -16.96
C GLY B 62 -11.44 -10.45 -16.78
N VAL B 63 -11.04 -9.62 -17.74
CA VAL B 63 -11.17 -8.17 -17.63
C VAL B 63 -12.50 -7.74 -18.24
N PRO B 64 -13.37 -7.04 -17.48
CA PRO B 64 -14.74 -6.80 -17.96
C PRO B 64 -14.79 -5.93 -19.21
N ASP B 65 -15.95 -5.99 -19.90
CA ASP B 65 -16.16 -5.23 -21.12
C ASP B 65 -16.10 -3.72 -20.89
N ARG B 66 -16.33 -3.28 -19.65
CA ARG B 66 -16.34 -1.85 -19.34
C ARG B 66 -15.00 -1.20 -19.64
N PHE B 67 -13.92 -1.96 -19.65
CA PHE B 67 -12.60 -1.44 -19.99
C PHE B 67 -12.38 -1.61 -21.49
N SER B 68 -12.12 -0.50 -22.19
CA SER B 68 -11.86 -0.58 -23.61
C SER B 68 -10.69 0.32 -23.95
N GLY B 69 -9.73 -0.21 -24.70
CA GLY B 69 -8.58 0.55 -25.14
C GLY B 69 -8.70 0.88 -26.61
N SER B 70 -8.08 1.99 -27.01
CA SER B 70 -8.08 2.38 -28.41
C SER B 70 -6.88 3.30 -28.62
N GLY B 71 -6.71 3.74 -29.85
CA GLY B 71 -5.65 4.66 -30.18
C GLY B 71 -4.97 4.25 -31.45
N SER B 72 -3.82 4.89 -31.72
CA SER B 72 -3.08 4.71 -32.97
C SER B 72 -1.72 5.38 -32.91
N GLY B 73 -0.66 4.65 -33.26
CA GLY B 73 0.57 5.38 -33.53
C GLY B 73 1.10 6.09 -32.32
N THR B 74 0.77 7.38 -32.23
CA THR B 74 1.20 8.24 -31.14
C THR B 74 0.23 8.32 -29.96
N ASP B 75 -1.09 8.22 -30.17
CA ASP B 75 -2.09 8.62 -29.18
C ASP B 75 -3.01 7.47 -28.81
N PHE B 76 -3.06 7.14 -27.51
CA PHE B 76 -3.82 6.00 -27.03
C PHE B 76 -4.72 6.40 -25.86
N THR B 77 -5.81 5.67 -25.69
CA THR B 77 -6.82 6.05 -24.71
C THR B 77 -7.43 4.80 -24.11
N LEU B 78 -7.48 4.76 -22.78
CA LEU B 78 -8.21 3.73 -22.05
C LEU B 78 -9.48 4.35 -21.48
N LYS B 79 -10.60 3.66 -21.69
CA LYS B 79 -11.91 4.13 -21.29
C LYS B 79 -12.49 3.14 -20.30
N ILE B 80 -12.90 3.62 -19.13
CA ILE B 80 -13.58 2.81 -18.13
C ILE B 80 -15.01 3.31 -18.07
N SER B 81 -15.95 2.44 -18.41
CA SER B 81 -17.36 2.79 -18.38
C SER B 81 -18.02 2.16 -17.17
N ARG B 82 -18.99 2.87 -16.61
CA ARG B 82 -19.76 2.38 -15.46
C ARG B 82 -18.82 2.02 -14.31
N VAL B 83 -18.03 3.01 -13.90
CA VAL B 83 -16.99 2.79 -12.92
C VAL B 83 -17.56 2.19 -11.64
N GLU B 84 -16.87 1.19 -11.08
CA GLU B 84 -17.24 0.58 -9.81
C GLU B 84 -16.18 0.86 -8.76
N THR B 85 -16.54 0.64 -7.48
CA THR B 85 -15.61 0.95 -6.40
C THR B 85 -14.30 0.17 -6.53
N GLU B 86 -14.36 -1.06 -7.04
CA GLU B 86 -13.20 -1.93 -7.17
C GLU B 86 -12.17 -1.42 -8.19
N ASP B 87 -12.55 -0.49 -9.06
CA ASP B 87 -11.67 0.05 -10.09
C ASP B 87 -10.65 1.03 -9.54
N LEU B 88 -10.70 1.33 -8.26
CA LEU B 88 -9.75 2.26 -7.64
C LEU B 88 -8.32 1.76 -7.82
N GLY B 89 -7.41 2.68 -8.14
CA GLY B 89 -6.00 2.32 -8.25
C GLY B 89 -5.28 3.27 -9.19
N VAL B 90 -4.03 2.93 -9.50
CA VAL B 90 -3.23 3.73 -10.43
C VAL B 90 -3.10 2.97 -11.74
N TYR B 91 -3.50 3.62 -12.83
CA TYR B 91 -3.48 3.02 -14.16
C TYR B 91 -2.22 3.48 -14.89
N TYR B 92 -1.55 2.54 -15.55
CA TYR B 92 -0.30 2.84 -16.26
C TYR B 92 -0.37 2.32 -17.68
N CYS B 93 0.00 3.15 -18.65
CA CYS B 93 0.27 2.61 -19.99
C CYS B 93 1.71 2.12 -20.06
N PHE B 94 2.02 1.34 -21.10
CA PHE B 94 3.30 0.64 -21.22
C PHE B 94 3.51 0.30 -22.69
N GLN B 95 4.66 0.66 -23.25
CA GLN B 95 5.02 0.23 -24.59
C GLN B 95 6.03 -0.91 -24.50
N GLY B 96 5.73 -2.02 -25.16
CA GLY B 96 6.65 -3.14 -25.26
C GLY B 96 7.09 -3.44 -26.68
N SER B 97 7.25 -2.39 -27.49
CA SER B 97 7.64 -2.52 -28.89
C SER B 97 9.13 -2.27 -29.12
N HIS B 98 9.70 -1.27 -28.45
CA HIS B 98 11.09 -0.89 -28.68
C HIS B 98 11.84 -0.92 -27.35
N VAL B 99 12.84 -1.79 -27.28
CA VAL B 99 13.76 -1.78 -26.15
C VAL B 99 14.44 -0.41 -26.09
N PRO B 100 14.54 0.24 -24.92
CA PRO B 100 14.06 -0.23 -23.61
C PRO B 100 12.56 0.03 -23.41
N TYR B 101 11.84 -0.96 -22.89
CA TYR B 101 10.41 -0.78 -22.68
C TYR B 101 10.16 0.27 -21.59
N THR B 102 9.01 0.93 -21.67
CA THR B 102 8.77 2.08 -20.80
C THR B 102 7.31 2.14 -20.38
N PHE B 103 7.10 2.51 -19.12
CA PHE B 103 5.79 2.79 -18.55
C PHE B 103 5.47 4.27 -18.63
N GLY B 104 4.20 4.59 -18.81
CA GLY B 104 3.72 5.94 -18.54
C GLY B 104 3.84 6.27 -17.06
N GLY B 105 3.60 7.53 -16.74
CA GLY B 105 3.79 8.00 -15.37
C GLY B 105 2.67 7.65 -14.40
N GLY B 106 1.54 7.18 -14.89
CA GLY B 106 0.46 6.73 -14.04
C GLY B 106 -0.66 7.73 -13.89
N THR B 107 -1.89 7.22 -13.77
CA THR B 107 -3.07 8.03 -13.50
C THR B 107 -3.80 7.43 -12.31
N LYS B 108 -3.98 8.22 -11.27
CA LYS B 108 -4.62 7.74 -10.05
C LYS B 108 -6.12 8.04 -10.14
N LEU B 109 -6.92 6.99 -10.22
CA LEU B 109 -8.36 7.17 -10.30
C LEU B 109 -8.90 7.53 -8.92
N GLU B 110 -9.78 8.52 -8.86
CA GLU B 110 -10.40 8.98 -7.61
C GLU B 110 -11.90 8.88 -7.76
N ILE B 111 -12.53 8.02 -6.97
CA ILE B 111 -13.96 7.76 -7.12
C ILE B 111 -14.76 8.71 -6.24
N LYS B 112 -15.73 9.40 -6.85
CA LYS B 112 -16.64 10.28 -6.13
C LYS B 112 -17.90 9.51 -5.75
N ARG B 113 -18.27 9.60 -4.47
CA ARG B 113 -19.45 8.91 -3.95
C ARG B 113 -20.20 9.88 -3.05
N THR B 114 -21.31 9.41 -2.45
CA THR B 114 -22.10 10.27 -1.58
C THR B 114 -21.33 10.60 -0.30
N VAL B 115 -21.73 11.70 0.34
CA VAL B 115 -21.08 12.08 1.59
C VAL B 115 -21.31 11.00 2.65
N ALA B 116 -20.26 10.67 3.40
CA ALA B 116 -20.38 9.71 4.49
C ALA B 116 -19.60 10.24 5.68
N ALA B 117 -20.28 10.38 6.82
CA ALA B 117 -19.68 10.91 8.03
C ALA B 117 -18.82 9.85 8.70
N PRO B 118 -17.71 10.25 9.31
CA PRO B 118 -16.85 9.27 9.99
C PRO B 118 -17.50 8.76 11.26
N SER B 119 -17.25 7.49 11.57
CA SER B 119 -17.43 7.02 12.94
C SER B 119 -16.15 7.32 13.70
N VAL B 120 -16.26 7.84 14.91
CA VAL B 120 -15.09 8.27 15.66
C VAL B 120 -14.92 7.41 16.91
N PHE B 121 -13.70 6.92 17.11
CA PHE B 121 -13.36 6.04 18.21
C PHE B 121 -12.08 6.55 18.85
N ILE B 122 -11.92 6.37 20.15
CA ILE B 122 -10.69 6.81 20.82
C ILE B 122 -10.16 5.68 21.70
N PHE B 123 -8.85 5.53 21.74
CA PHE B 123 -8.16 4.47 22.45
C PHE B 123 -7.15 5.10 23.40
N PRO B 124 -7.31 4.91 24.71
CA PRO B 124 -6.27 5.34 25.67
C PRO B 124 -5.03 4.48 25.51
N PRO B 125 -3.90 4.93 26.06
CA PRO B 125 -2.69 4.09 26.01
C PRO B 125 -2.87 2.81 26.80
N SER B 126 -2.26 1.73 26.31
CA SER B 126 -2.32 0.47 27.03
C SER B 126 -1.45 0.54 28.28
N ASP B 127 -1.85 -0.23 29.30
CA ASP B 127 -1.00 -0.40 30.48
C ASP B 127 0.39 -0.88 30.08
N GLU B 128 0.45 -1.86 29.17
CA GLU B 128 1.73 -2.39 28.71
C GLU B 128 2.63 -1.29 28.13
N GLN B 129 2.09 -0.46 27.24
CA GLN B 129 2.91 0.63 26.72
C GLN B 129 3.34 1.59 27.84
N LEU B 130 2.46 1.81 28.82
CA LEU B 130 2.80 2.73 29.89
C LEU B 130 3.96 2.20 30.73
N LYS B 131 4.07 0.88 30.87
CA LYS B 131 5.28 0.32 31.46
C LYS B 131 6.54 0.75 30.72
N SER B 132 6.43 0.99 29.41
CA SER B 132 7.60 1.24 28.58
C SER B 132 8.12 2.66 28.67
N GLY B 133 7.35 3.60 29.22
CA GLY B 133 7.78 4.98 29.33
C GLY B 133 7.20 5.93 28.30
N THR B 134 6.34 5.47 27.41
CA THR B 134 5.69 6.34 26.43
C THR B 134 4.19 6.07 26.45
N ALA B 135 3.42 7.06 26.00
CA ALA B 135 1.96 6.93 25.90
C ALA B 135 1.52 7.37 24.52
N SER B 136 0.85 6.48 23.80
CA SER B 136 0.21 6.82 22.54
C SER B 136 -1.31 6.77 22.71
N VAL B 137 -1.98 7.85 22.33
CA VAL B 137 -3.44 7.95 22.36
C VAL B 137 -3.90 7.96 20.91
N VAL B 138 -4.79 7.03 20.54
CA VAL B 138 -5.15 6.87 19.15
C VAL B 138 -6.60 7.31 18.94
N CYS B 139 -6.82 8.19 17.99
CA CYS B 139 -8.15 8.57 17.56
C CYS B 139 -8.38 8.06 16.14
N LEU B 140 -9.45 7.33 15.95
CA LEU B 140 -9.76 6.68 14.68
C LEU B 140 -11.01 7.29 14.08
N LEU B 141 -10.90 7.71 12.82
CA LEU B 141 -12.02 8.15 12.00
C LEU B 141 -12.27 7.07 10.97
N ASN B 142 -13.43 6.42 11.04
CA ASN B 142 -13.67 5.22 10.25
C ASN B 142 -14.66 5.51 9.12
N ASN B 143 -14.25 5.16 7.90
CA ASN B 143 -15.09 5.01 6.71
C ASN B 143 -15.85 6.29 6.35
N PHE B 144 -15.11 7.35 6.03
CA PHE B 144 -15.75 8.62 5.71
C PHE B 144 -15.46 9.05 4.27
N TYR B 145 -16.28 9.99 3.78
CA TYR B 145 -16.08 10.62 2.47
C TYR B 145 -16.76 11.98 2.48
N PRO B 146 -16.14 13.05 1.93
CA PRO B 146 -14.84 13.07 1.24
C PRO B 146 -13.67 13.10 2.21
N ARG B 147 -12.47 13.22 1.63
CA ARG B 147 -11.26 12.96 2.39
C ARG B 147 -10.93 14.08 3.38
N GLU B 148 -11.33 15.31 3.09
CA GLU B 148 -10.97 16.41 3.97
C GLU B 148 -11.60 16.22 5.35
N ALA B 149 -10.76 16.30 6.38
CA ALA B 149 -11.24 16.16 7.74
C ALA B 149 -10.26 16.84 8.68
N LYS B 150 -10.76 17.42 9.75
CA LYS B 150 -9.90 18.08 10.71
C LYS B 150 -9.98 17.38 12.06
N VAL B 151 -8.83 17.01 12.61
CA VAL B 151 -8.72 16.31 13.88
C VAL B 151 -7.86 17.16 14.81
N GLN B 152 -8.41 17.54 15.97
CA GLN B 152 -7.68 18.33 16.95
C GLN B 152 -7.65 17.62 18.29
N TRP B 153 -6.50 17.68 18.96
CA TRP B 153 -6.35 17.09 20.28
C TRP B 153 -6.49 18.16 21.36
N LYS B 154 -7.18 17.81 22.45
CA LYS B 154 -7.25 18.68 23.62
C LYS B 154 -6.88 17.85 24.84
N VAL B 155 -5.99 18.40 25.66
CA VAL B 155 -5.52 17.79 26.89
C VAL B 155 -5.86 18.76 28.00
N ASP B 156 -6.64 18.30 28.99
CA ASP B 156 -7.26 19.20 29.98
C ASP B 156 -7.88 20.41 29.31
N ASN B 157 -8.52 20.17 28.17
CA ASN B 157 -9.23 21.18 27.38
C ASN B 157 -8.31 22.21 26.73
N ALA B 158 -6.98 21.99 26.72
CA ALA B 158 -6.05 22.88 26.02
C ALA B 158 -5.70 22.28 24.67
N LEU B 159 -5.88 23.06 23.61
CA LEU B 159 -5.61 22.58 22.26
C LEU B 159 -4.14 22.20 22.11
N GLN B 160 -3.88 21.09 21.44
CA GLN B 160 -2.51 20.61 21.27
C GLN B 160 -1.98 20.96 19.89
N SER B 161 -0.65 20.98 19.78
CA SER B 161 0.00 21.14 18.48
C SER B 161 1.39 20.52 18.52
N GLY B 162 1.81 19.96 17.39
CA GLY B 162 3.15 19.47 17.26
C GLY B 162 3.42 18.09 17.84
N ASN B 163 2.44 17.47 18.52
CA ASN B 163 2.70 16.17 19.12
C ASN B 163 1.79 15.07 18.57
N SER B 164 1.17 15.27 17.41
CA SER B 164 0.33 14.24 16.80
C SER B 164 0.77 13.96 15.37
N GLN B 165 0.63 12.70 14.96
CA GLN B 165 0.88 12.29 13.58
C GLN B 165 -0.37 11.60 13.06
N GLU B 166 -0.71 11.82 11.79
CA GLU B 166 -1.89 11.15 11.28
C GLU B 166 -1.58 10.41 9.99
N SER B 167 -2.36 9.37 9.73
CA SER B 167 -2.17 8.64 8.48
C SER B 167 -3.53 8.20 7.96
N VAL B 168 -3.63 8.14 6.63
CA VAL B 168 -4.90 7.96 5.93
C VAL B 168 -4.76 6.80 4.95
N THR B 169 -5.76 5.93 4.92
CA THR B 169 -5.76 4.84 3.96
C THR B 169 -6.13 5.35 2.57
N GLU B 170 -5.84 4.51 1.57
CA GLU B 170 -6.39 4.70 0.24
C GLU B 170 -7.89 4.48 0.25
N GLN B 171 -8.56 4.97 -0.79
CA GLN B 171 -10.00 4.77 -0.95
C GLN B 171 -10.32 3.29 -0.91
N ASP B 172 -11.32 2.94 -0.11
CA ASP B 172 -11.66 1.54 0.10
C ASP B 172 -12.23 0.92 -1.17
N SER B 173 -11.84 -0.33 -1.44
CA SER B 173 -12.22 -0.95 -2.70
C SER B 173 -13.68 -1.39 -2.73
N LYS B 174 -14.33 -1.48 -1.56
CA LYS B 174 -15.74 -1.87 -1.49
C LYS B 174 -16.69 -0.70 -1.35
N ASP B 175 -16.32 0.37 -0.64
CA ASP B 175 -17.24 1.47 -0.43
C ASP B 175 -16.64 2.85 -0.69
N SER B 176 -15.42 2.93 -1.21
CA SER B 176 -14.80 4.18 -1.67
C SER B 176 -14.62 5.22 -0.56
N THR B 177 -14.67 4.80 0.70
CA THR B 177 -14.39 5.70 1.81
C THR B 177 -12.91 5.70 2.18
N TYR B 178 -12.53 6.68 2.98
CA TYR B 178 -11.24 6.75 3.64
C TYR B 178 -11.39 6.44 5.11
N SER B 179 -10.29 6.01 5.73
CA SER B 179 -10.19 5.97 7.19
C SER B 179 -8.90 6.65 7.61
N LEU B 180 -8.90 7.22 8.81
CA LEU B 180 -7.79 8.07 9.26
C LEU B 180 -7.48 7.76 10.71
N SER B 181 -6.20 7.63 11.02
CA SER B 181 -5.76 7.52 12.41
C SER B 181 -4.97 8.77 12.78
N SER B 182 -5.20 9.28 13.99
CA SER B 182 -4.41 10.39 14.52
C SER B 182 -3.86 9.92 15.87
N THR B 183 -2.55 9.93 15.99
CA THR B 183 -1.86 9.41 17.16
C THR B 183 -1.20 10.56 17.89
N LEU B 184 -1.64 10.79 19.12
CA LEU B 184 -1.04 11.75 20.03
C LEU B 184 0.00 11.01 20.84
N THR B 185 1.26 11.46 20.79
CA THR B 185 2.34 10.78 21.49
C THR B 185 2.86 11.68 22.59
N LEU B 186 2.94 11.15 23.81
CA LEU B 186 3.39 11.91 24.96
C LEU B 186 4.36 11.06 25.77
N SER B 187 5.27 11.73 26.45
CA SER B 187 6.04 11.03 27.48
C SER B 187 5.08 10.53 28.55
N LYS B 188 5.47 9.44 29.22
CA LYS B 188 4.61 8.95 30.29
C LYS B 188 4.43 10.01 31.37
N ALA B 189 5.50 10.75 31.68
CA ALA B 189 5.42 11.84 32.64
C ALA B 189 4.32 12.83 32.23
N ASP B 190 4.36 13.29 30.98
CA ASP B 190 3.34 14.25 30.53
C ASP B 190 1.94 13.64 30.58
N TYR B 191 1.82 12.35 30.25
CA TYR B 191 0.50 11.73 30.24
C TYR B 191 -0.08 11.65 31.64
N GLU B 192 0.74 11.25 32.63
CA GLU B 192 0.30 11.19 34.02
C GLU B 192 0.12 12.58 34.65
N LYS B 193 0.53 13.63 33.96
CA LYS B 193 0.41 15.00 34.43
C LYS B 193 -0.97 15.59 34.14
N HIS B 194 -1.77 14.95 33.31
CA HIS B 194 -3.05 15.50 32.91
C HIS B 194 -4.13 14.45 33.08
N LYS B 195 -5.38 14.89 32.96
CA LYS B 195 -6.52 14.05 33.27
C LYS B 195 -7.39 13.77 32.07
N VAL B 196 -7.74 14.79 31.28
CA VAL B 196 -8.73 14.65 30.23
C VAL B 196 -8.06 14.65 28.87
N TYR B 197 -8.42 13.67 28.04
CA TYR B 197 -7.88 13.54 26.68
C TYR B 197 -9.06 13.49 25.73
N ALA B 198 -9.05 14.37 24.72
CA ALA B 198 -10.17 14.47 23.81
C ALA B 198 -9.70 14.64 22.37
N CYS B 199 -10.40 13.94 21.47
CA CYS B 199 -10.23 14.02 20.03
C CYS B 199 -11.46 14.73 19.46
N GLU B 200 -11.27 15.85 18.79
CA GLU B 200 -12.37 16.59 18.19
C GLU B 200 -12.26 16.56 16.67
N VAL B 201 -13.36 16.23 16.00
CA VAL B 201 -13.38 15.90 14.59
C VAL B 201 -14.40 16.78 13.89
N THR B 202 -13.96 17.43 12.83
CA THR B 202 -14.83 18.19 11.94
C THR B 202 -14.80 17.52 10.59
N HIS B 203 -15.97 17.29 10.03
CA HIS B 203 -16.09 16.67 8.72
C HIS B 203 -17.43 17.10 8.12
N GLN B 204 -17.42 17.27 6.80
CA GLN B 204 -18.61 17.76 6.10
C GLN B 204 -19.84 16.90 6.38
N GLY B 205 -19.66 15.61 6.67
CA GLY B 205 -20.82 14.79 6.90
C GLY B 205 -21.47 14.92 8.27
N LEU B 206 -20.90 15.73 9.15
CA LEU B 206 -21.36 15.86 10.52
C LEU B 206 -22.05 17.21 10.68
N SER B 207 -23.24 17.21 11.29
CA SER B 207 -23.95 18.47 11.52
C SER B 207 -23.12 19.46 12.34
N SER B 208 -22.40 18.97 13.34
CA SER B 208 -21.45 19.79 14.07
C SER B 208 -20.27 18.90 14.46
N PRO B 209 -19.14 19.49 14.87
CA PRO B 209 -17.99 18.66 15.21
C PRO B 209 -18.30 17.69 16.34
N VAL B 210 -17.69 16.52 16.25
CA VAL B 210 -17.85 15.45 17.21
C VAL B 210 -16.60 15.35 18.07
N THR B 211 -16.77 15.23 19.37
CA THR B 211 -15.66 15.07 20.30
C THR B 211 -15.82 13.75 21.04
N LYS B 212 -14.76 12.94 21.07
CA LYS B 212 -14.71 11.75 21.89
C LYS B 212 -13.62 11.95 22.92
N SER B 213 -13.88 11.60 24.17
CA SER B 213 -12.96 11.98 25.22
C SER B 213 -12.99 10.93 26.32
N PHE B 214 -11.93 10.92 27.13
CA PHE B 214 -11.83 10.02 28.27
C PHE B 214 -10.94 10.65 29.32
N ASN B 215 -10.92 10.03 30.49
CA ASN B 215 -10.08 10.43 31.60
C ASN B 215 -8.99 9.39 31.79
N ARG B 216 -7.78 9.83 32.11
CA ARG B 216 -6.74 8.89 32.49
C ARG B 216 -7.23 8.02 33.64
N GLY B 217 -7.02 6.73 33.55
CA GLY B 217 -7.48 5.85 34.60
C GLY B 217 -8.90 5.35 34.45
N GLU B 218 -9.64 5.82 33.44
CA GLU B 218 -11.06 5.47 33.34
C GLU B 218 -11.27 4.07 32.77
N CYS B 219 -10.48 3.67 31.78
CA CYS B 219 -10.70 2.41 31.07
C CYS B 219 -9.47 1.52 31.15
N ALA C 1 4.54 -7.44 -24.40
CA ALA C 1 5.65 -6.86 -25.15
C ALA C 1 6.19 -7.86 -26.17
N VAL C 2 7.08 -7.40 -27.06
CA VAL C 2 7.72 -8.31 -28.02
C VAL C 2 8.57 -9.34 -27.28
N GLY C 3 9.48 -8.88 -26.46
CA GLY C 3 10.43 -9.69 -25.71
C GLY C 3 11.81 -9.36 -26.25
N ILE C 4 12.79 -9.25 -25.35
CA ILE C 4 14.14 -8.90 -25.80
C ILE C 4 14.79 -10.06 -26.55
N GLY C 5 14.26 -11.27 -26.43
CA GLY C 5 14.82 -12.42 -27.13
C GLY C 5 14.06 -12.89 -28.35
N ALA C 6 12.96 -12.21 -28.70
CA ALA C 6 12.04 -12.71 -29.72
C ALA C 6 12.66 -12.75 -31.10
N VAL C 7 13.63 -11.88 -31.39
CA VAL C 7 14.23 -11.82 -32.73
C VAL C 7 15.36 -12.82 -32.91
N PHE C 8 15.61 -13.69 -31.94
CA PHE C 8 16.67 -14.68 -32.07
C PHE C 8 16.08 -16.07 -32.23
S SO4 D . 9.30 8.69 -4.80
O1 SO4 D . 9.25 8.37 -6.23
O2 SO4 D . 8.01 8.42 -4.18
O3 SO4 D . 10.33 7.88 -4.14
O4 SO4 D . 9.64 10.12 -4.69
S SO4 E . 10.23 -13.91 2.76
O1 SO4 E . 10.35 -14.71 1.53
O2 SO4 E . 9.08 -13.00 2.67
O3 SO4 E . 10.02 -14.83 3.89
O4 SO4 E . 11.45 -13.13 2.96
S SO4 F . -18.95 7.23 25.61
O1 SO4 F . -18.11 7.45 24.42
O2 SO4 F . -20.27 6.74 25.19
O3 SO4 F . -18.38 6.21 26.51
O4 SO4 F . -19.08 8.49 26.34
S SO4 G . 22.24 6.82 5.55
O1 SO4 G . 22.02 7.21 4.16
O2 SO4 G . 21.23 5.85 5.98
O3 SO4 G . 22.15 8.00 6.43
O4 SO4 G . 23.60 6.25 5.65
S SO4 H . 7.05 -26.78 -10.96
O1 SO4 H . 7.34 -26.06 -12.21
O2 SO4 H . 5.61 -26.94 -10.74
O3 SO4 H . 7.67 -28.12 -11.03
O4 SO4 H . 7.66 -26.04 -9.85
S SO4 I . 23.90 -4.19 10.57
O1 SO4 I . 24.34 -4.72 9.27
O2 SO4 I . 22.57 -3.62 10.42
O3 SO4 I . 23.84 -5.31 11.53
O4 SO4 I . 24.86 -3.17 11.00
S SO4 J . -3.62 16.36 -12.99
O1 SO4 J . -2.80 16.09 -14.18
O2 SO4 J . -4.66 17.35 -13.35
O3 SO4 J . -4.29 15.15 -12.52
O4 SO4 J . -2.76 16.88 -11.92
S SO4 K . -7.86 -2.65 -32.62
O1 SO4 K . -7.38 -2.81 -33.99
O2 SO4 K . -9.06 -1.80 -32.59
O3 SO4 K . -6.82 -2.03 -31.80
O4 SO4 K . -8.18 -4.02 -32.16
S SO4 L . -11.47 -8.57 -26.86
O1 SO4 L . -11.06 -7.17 -27.00
O2 SO4 L . -12.72 -8.78 -27.60
O3 SO4 L . -11.73 -8.91 -25.45
O4 SO4 L . -10.42 -9.44 -27.39
S SO4 M . 13.24 -2.99 -32.56
O1 SO4 M . 12.16 -2.99 -33.56
O2 SO4 M . 14.19 -1.96 -32.94
O3 SO4 M . 13.86 -4.32 -32.54
O4 SO4 M . 12.71 -2.70 -31.22
#